data_4QIM
#
_entry.id   4QIM
#
_cell.length_a   42.830
_cell.length_b   79.840
_cell.length_c   170.070
_cell.angle_alpha   90.00
_cell.angle_beta   90.00
_cell.angle_gamma   90.00
#
_symmetry.space_group_name_H-M   'P 21 21 21'
#
loop_
_entity.id
_entity.type
_entity.pdbx_description
1 polymer 'Smoothened homolog/Soluble cytochrome b562 chimeric protein'
2 non-polymer 2-{6-[4-(4-benzylphthalazin-1-yl)piperazin-1-yl]pyridin-3-yl}propan-2-ol
3 non-polymer 'ZINC ION'
4 water water
#
_entity_poly.entity_id   1
_entity_poly.type   'polypeptide(L)'
_entity_poly.pdbx_seq_one_letter_code
;GGTSGQCEVPLVRTDNPKSWYEDVEGCGIQCQNPLFTEAEHQDMHSYIAAFGAVTGLCTLFTLATFVADWRNSNRYPAVI
LFYVNACFFVGSIGWLAQFMDGARREIVCRADGTMRLGEPTSNETLSCVIIFVIVYYALMAGVVWFVVLTYAWHTSFKAL
GTTYQPLSGKTSYFHLLTWSLPFVLTVAILAVAQVDGDSVSGICFVGYKNYRYRAGFVLAPIGLVLIVGGYFLIRGVMTL
FSIKSNHADLEDNWETLNDNLKVIEKADNAAQVKDALTKMRAAALDAQKATPPKLEDKSPDSPEMKDFRHGFDILVGQID
DALKLANEGKVKEAQAAAEQLKTTRNAYIQKYLAASKINETMLRLGIFGFLAFGFVLITFSCHFYDFFNQAEWERSFRDY
VLCQANVTIGLPTKQPIPDCEIKNRPSLLVEKINLFAMFGTGIAMSTWVWTKATLLIWRRTWCRLTGQ
;
_entity_poly.pdbx_strand_id   A
#
loop_
_chem_comp.id
_chem_comp.type
_chem_comp.name
_chem_comp.formula
A8T non-polymer 2-{6-[4-(4-benzylphthalazin-1-yl)piperazin-1-yl]pyridin-3-yl}propan-2-ol 'C27 H29 N5 O'
ZN non-polymer 'ZINC ION' 'Zn 2'
#
# COMPACT_ATOMS: atom_id res chain seq x y z
N SER A 4 32.75 28.72 -30.04
CA SER A 4 33.04 27.49 -29.29
C SER A 4 34.21 27.72 -28.29
N GLY A 5 34.31 26.86 -27.27
CA GLY A 5 35.36 26.96 -26.26
C GLY A 5 36.07 25.67 -25.87
N GLN A 6 36.54 25.63 -24.60
CA GLN A 6 37.28 24.53 -23.97
C GLN A 6 36.46 23.24 -23.81
N CYS A 7 35.14 23.39 -23.59
CA CYS A 7 34.25 22.27 -23.35
C CYS A 7 33.26 22.09 -24.48
N GLU A 8 32.94 20.83 -24.76
CA GLU A 8 31.97 20.42 -25.78
C GLU A 8 30.74 19.85 -25.07
N VAL A 9 29.56 19.88 -25.74
CA VAL A 9 28.31 19.34 -25.19
C VAL A 9 28.56 17.82 -24.91
N PRO A 10 28.13 17.24 -23.76
CA PRO A 10 27.24 17.79 -22.73
C PRO A 10 27.98 18.38 -21.52
N LEU A 11 29.19 18.90 -21.72
CA LEU A 11 29.93 19.53 -20.64
C LEU A 11 29.90 21.04 -20.83
N VAL A 12 29.87 21.78 -19.72
CA VAL A 12 29.88 23.25 -19.63
C VAL A 12 31.15 23.68 -18.89
N ARG A 13 31.63 24.91 -19.13
CA ARG A 13 32.85 25.44 -18.50
C ARG A 13 32.60 25.75 -17.00
N THR A 14 33.53 25.31 -16.12
CA THR A 14 33.43 25.54 -14.68
C THR A 14 34.82 25.69 -14.04
N ASP A 15 34.91 26.62 -13.08
CA ASP A 15 36.12 26.93 -12.32
C ASP A 15 36.14 26.17 -10.99
N ASN A 16 35.03 25.49 -10.66
CA ASN A 16 34.91 24.71 -9.45
C ASN A 16 35.43 23.29 -9.70
N PRO A 17 36.59 22.94 -9.09
CA PRO A 17 37.16 21.59 -9.30
C PRO A 17 36.26 20.44 -8.84
N LYS A 18 35.44 20.65 -7.80
CA LYS A 18 34.49 19.66 -7.28
C LYS A 18 33.42 19.31 -8.38
N SER A 19 33.29 20.15 -9.44
CA SER A 19 32.36 19.94 -10.56
C SER A 19 33.04 19.34 -11.79
N TRP A 20 34.38 19.22 -11.80
CA TRP A 20 35.10 18.70 -12.97
C TRP A 20 34.83 17.23 -13.20
N TYR A 21 34.58 16.88 -14.47
CA TYR A 21 34.28 15.54 -14.92
C TYR A 21 35.55 14.79 -15.25
N GLU A 22 35.91 13.83 -14.38
CA GLU A 22 37.03 12.89 -14.48
C GLU A 22 38.34 13.53 -15.04
N ASP A 23 38.75 13.12 -16.26
CA ASP A 23 39.97 13.58 -16.91
C ASP A 23 39.80 14.94 -17.60
N VAL A 24 38.55 15.45 -17.74
CA VAL A 24 38.29 16.71 -18.45
C VAL A 24 38.26 17.90 -17.44
N GLU A 25 39.45 18.44 -17.11
CA GLU A 25 39.62 19.59 -16.21
C GLU A 25 38.96 20.87 -16.76
N GLY A 26 38.29 21.61 -15.88
CA GLY A 26 37.63 22.86 -16.25
C GLY A 26 36.26 22.72 -16.89
N CYS A 27 35.74 21.47 -16.98
CA CYS A 27 34.42 21.14 -17.56
C CYS A 27 33.60 20.30 -16.61
N GLY A 28 32.31 20.60 -16.52
CA GLY A 28 31.35 19.86 -15.72
C GLY A 28 30.12 19.50 -16.52
N ILE A 29 29.27 18.60 -16.00
CA ILE A 29 28.07 18.15 -16.71
C ILE A 29 27.00 19.26 -16.71
N GLN A 30 26.48 19.62 -17.92
CA GLN A 30 25.41 20.61 -18.10
C GLN A 30 24.22 20.25 -17.20
N CYS A 31 23.57 21.27 -16.59
CA CYS A 31 22.46 21.08 -15.66
C CYS A 31 21.25 20.42 -16.33
N GLN A 32 20.93 20.76 -17.59
CA GLN A 32 19.81 20.13 -18.29
C GLN A 32 20.25 18.72 -18.66
N ASN A 33 19.90 17.73 -17.80
CA ASN A 33 20.28 16.30 -17.89
C ASN A 33 20.57 15.87 -19.33
N PRO A 34 21.86 15.52 -19.61
CA PRO A 34 22.26 15.14 -20.97
C PRO A 34 21.71 13.79 -21.47
N LEU A 35 21.19 12.93 -20.57
CA LEU A 35 20.65 11.62 -20.95
C LEU A 35 19.25 11.73 -21.56
N PHE A 36 18.61 12.92 -21.45
CA PHE A 36 17.27 13.14 -21.98
C PHE A 36 17.22 14.38 -22.85
N THR A 37 16.36 14.35 -23.87
CA THR A 37 16.15 15.44 -24.82
C THR A 37 15.26 16.53 -24.19
N GLU A 38 15.24 17.75 -24.77
CA GLU A 38 14.42 18.87 -24.30
C GLU A 38 12.93 18.51 -24.39
N ALA A 39 12.51 17.82 -25.48
CA ALA A 39 11.15 17.38 -25.71
C ALA A 39 10.71 16.41 -24.64
N GLU A 40 11.64 15.54 -24.17
CA GLU A 40 11.38 14.58 -23.10
C GLU A 40 11.17 15.32 -21.78
N HIS A 41 12.07 16.30 -21.45
CA HIS A 41 12.01 17.17 -20.27
C HIS A 41 10.63 17.81 -20.15
N GLN A 42 10.19 18.51 -21.21
CA GLN A 42 8.90 19.22 -21.26
C GLN A 42 7.71 18.23 -21.13
N ASP A 43 7.85 17.01 -21.65
CA ASP A 43 6.81 15.99 -21.57
C ASP A 43 6.69 15.45 -20.11
N MET A 44 7.84 15.25 -19.44
CA MET A 44 7.93 14.76 -18.07
C MET A 44 7.43 15.83 -17.08
N HIS A 45 7.70 17.11 -17.37
CA HIS A 45 7.27 18.20 -16.48
C HIS A 45 5.74 18.32 -16.47
N SER A 46 5.10 18.19 -17.66
CA SER A 46 3.64 18.21 -17.80
C SER A 46 3.00 17.00 -17.09
N TYR A 47 3.62 15.81 -17.20
CA TYR A 47 3.20 14.56 -16.59
C TYR A 47 3.19 14.69 -15.07
N ILE A 48 4.33 15.12 -14.48
CA ILE A 48 4.55 15.33 -13.05
C ILE A 48 3.63 16.43 -12.53
N ALA A 49 3.41 17.53 -13.30
CA ALA A 49 2.52 18.63 -12.91
C ALA A 49 1.07 18.13 -12.79
N ALA A 50 0.62 17.33 -13.77
CA ALA A 50 -0.71 16.75 -13.80
C ALA A 50 -0.93 15.81 -12.61
N PHE A 51 -0.05 14.78 -12.47
CA PHE A 51 -0.09 13.77 -11.43
C PHE A 51 0.15 14.36 -10.05
N GLY A 52 1.06 15.32 -9.96
CA GLY A 52 1.41 16.00 -8.71
C GLY A 52 0.27 16.85 -8.17
N ALA A 53 -0.47 17.54 -9.06
CA ALA A 53 -1.61 18.39 -8.71
C ALA A 53 -2.82 17.55 -8.29
N VAL A 54 -3.12 16.45 -9.03
CA VAL A 54 -4.26 15.55 -8.78
C VAL A 54 -4.03 14.84 -7.43
N THR A 55 -2.80 14.36 -7.15
CA THR A 55 -2.46 13.69 -5.89
C THR A 55 -2.63 14.72 -4.78
N GLY A 56 -2.15 15.94 -5.01
CA GLY A 56 -2.28 17.04 -4.07
C GLY A 56 -3.70 17.38 -3.69
N LEU A 57 -4.62 17.43 -4.68
CA LEU A 57 -6.03 17.76 -4.49
C LEU A 57 -6.84 16.59 -3.87
N CYS A 58 -6.64 15.35 -4.36
CA CYS A 58 -7.35 14.15 -3.87
C CYS A 58 -6.98 13.82 -2.42
N THR A 59 -5.69 13.96 -2.06
CA THR A 59 -5.26 13.65 -0.69
C THR A 59 -5.75 14.75 0.26
N LEU A 60 -5.72 16.04 -0.20
CA LEU A 60 -6.18 17.14 0.64
C LEU A 60 -7.66 16.95 0.97
N PHE A 61 -8.49 16.54 -0.02
CA PHE A 61 -9.91 16.29 0.16
C PHE A 61 -10.14 15.20 1.22
N THR A 62 -9.38 14.07 1.15
CA THR A 62 -9.46 12.97 2.10
C THR A 62 -8.99 13.44 3.50
N LEU A 63 -7.95 14.31 3.57
CA LEU A 63 -7.47 14.87 4.84
C LEU A 63 -8.56 15.73 5.47
N ALA A 64 -9.17 16.66 4.70
CA ALA A 64 -10.24 17.56 5.13
C ALA A 64 -11.50 16.79 5.52
N THR A 65 -11.82 15.70 4.80
CA THR A 65 -12.98 14.85 5.07
C THR A 65 -12.80 14.14 6.43
N PHE A 66 -11.55 13.72 6.77
CA PHE A 66 -11.26 13.04 8.04
C PHE A 66 -11.37 14.01 9.20
N VAL A 67 -10.77 15.21 9.07
CA VAL A 67 -10.77 16.22 10.13
C VAL A 67 -12.20 16.83 10.29
N ALA A 68 -13.04 16.84 9.22
CA ALA A 68 -14.42 17.34 9.25
C ALA A 68 -15.31 16.49 10.19
N ASP A 69 -14.97 15.20 10.35
CA ASP A 69 -15.66 14.25 11.22
C ASP A 69 -14.65 13.64 12.20
N TRP A 70 -13.64 14.45 12.62
CA TRP A 70 -12.51 14.02 13.45
C TRP A 70 -12.93 13.25 14.71
N ARG A 71 -14.10 13.57 15.31
CA ARG A 71 -14.61 12.89 16.49
C ARG A 71 -14.86 11.39 16.22
N ASN A 72 -15.38 11.05 15.01
CA ASN A 72 -15.69 9.67 14.60
C ASN A 72 -14.58 9.05 13.75
N SER A 73 -13.97 9.85 12.85
CA SER A 73 -12.92 9.45 11.91
C SER A 73 -11.64 8.97 12.59
N ASN A 74 -11.21 9.60 13.71
CA ASN A 74 -9.98 9.23 14.44
C ASN A 74 -10.15 7.86 15.14
N ARG A 75 -10.22 6.79 14.34
CA ARG A 75 -10.38 5.42 14.81
C ARG A 75 -9.56 4.45 13.95
N TYR A 76 -8.74 3.63 14.61
CA TYR A 76 -7.91 2.62 13.98
C TYR A 76 -8.76 1.39 13.65
N PRO A 77 -8.52 0.69 12.52
CA PRO A 77 -7.43 0.88 11.54
C PRO A 77 -7.78 1.82 10.37
N ALA A 78 -8.95 2.50 10.38
CA ALA A 78 -9.36 3.39 9.29
C ALA A 78 -8.52 4.68 9.20
N VAL A 79 -8.15 5.27 10.36
CA VAL A 79 -7.35 6.51 10.44
C VAL A 79 -5.91 6.27 9.88
N ILE A 80 -5.50 5.01 9.62
CA ILE A 80 -4.20 4.71 9.01
C ILE A 80 -4.21 5.32 7.60
N LEU A 81 -5.37 5.28 6.91
CA LEU A 81 -5.56 5.83 5.57
C LEU A 81 -5.42 7.35 5.59
N PHE A 82 -5.74 8.00 6.72
CA PHE A 82 -5.55 9.46 6.87
C PHE A 82 -4.04 9.79 6.81
N TYR A 83 -3.22 9.09 7.62
CA TYR A 83 -1.78 9.31 7.68
C TYR A 83 -1.08 8.95 6.36
N VAL A 84 -1.59 7.94 5.62
CA VAL A 84 -1.06 7.54 4.31
C VAL A 84 -1.26 8.72 3.33
N ASN A 85 -2.45 9.34 3.37
CA ASN A 85 -2.84 10.47 2.52
C ASN A 85 -2.05 11.74 2.89
N ALA A 86 -1.66 11.89 4.17
CA ALA A 86 -0.85 13.02 4.65
C ALA A 86 0.57 12.94 4.03
N CYS A 87 1.16 11.73 3.98
CA CYS A 87 2.47 11.45 3.37
C CYS A 87 2.45 11.80 1.87
N PHE A 88 1.37 11.44 1.15
CA PHE A 88 1.25 11.69 -0.27
C PHE A 88 0.92 13.16 -0.55
N PHE A 89 0.36 13.89 0.42
CA PHE A 89 0.07 15.33 0.26
C PHE A 89 1.39 16.13 0.35
N VAL A 90 2.17 15.90 1.44
CA VAL A 90 3.47 16.52 1.72
C VAL A 90 4.43 16.18 0.56
N GLY A 91 4.37 14.92 0.10
CA GLY A 91 5.14 14.42 -1.03
C GLY A 91 4.94 15.24 -2.30
N SER A 92 3.66 15.58 -2.61
CA SER A 92 3.28 16.38 -3.78
C SER A 92 3.88 17.78 -3.77
N ILE A 93 4.01 18.41 -2.58
CA ILE A 93 4.56 19.76 -2.44
C ILE A 93 6.04 19.75 -2.95
N GLY A 94 6.81 18.73 -2.55
CA GLY A 94 8.20 18.56 -2.98
C GLY A 94 8.35 18.41 -4.48
N TRP A 95 7.40 17.71 -5.10
CA TRP A 95 7.34 17.44 -6.54
C TRP A 95 6.88 18.67 -7.34
N LEU A 96 6.00 19.51 -6.75
CA LEU A 96 5.44 20.69 -7.43
C LEU A 96 6.27 21.96 -7.25
N ALA A 97 7.18 22.01 -6.25
CA ALA A 97 8.04 23.17 -5.98
C ALA A 97 8.82 23.63 -7.22
N GLN A 98 9.22 22.69 -8.11
CA GLN A 98 9.96 22.93 -9.36
C GLN A 98 9.20 23.82 -10.36
N PHE A 99 7.86 23.95 -10.19
CA PHE A 99 7.03 24.71 -11.10
C PHE A 99 6.95 26.22 -10.69
N MET A 100 7.59 26.59 -9.55
CA MET A 100 7.74 28.00 -9.11
C MET A 100 8.74 28.69 -10.02
N ASP A 101 8.41 29.89 -10.58
CA ASP A 101 9.31 30.62 -11.50
C ASP A 101 10.75 30.45 -11.01
N GLY A 102 11.55 29.73 -11.79
CA GLY A 102 12.99 29.58 -11.60
C GLY A 102 13.48 28.65 -10.50
N ALA A 103 12.56 28.04 -9.72
CA ALA A 103 12.95 27.16 -8.62
C ALA A 103 13.57 25.84 -9.12
N ARG A 104 13.09 25.30 -10.26
CA ARG A 104 13.60 24.05 -10.82
C ARG A 104 15.12 24.10 -10.97
N ARG A 105 15.64 25.17 -11.62
CA ARG A 105 17.07 25.38 -11.85
C ARG A 105 17.78 25.65 -10.50
N GLU A 106 17.12 26.32 -9.55
CA GLU A 106 17.65 26.56 -8.22
C GLU A 106 17.82 25.21 -7.43
N ILE A 107 16.85 24.31 -7.56
CA ILE A 107 16.88 23.01 -6.90
C ILE A 107 17.97 22.08 -7.51
N VAL A 108 17.96 21.92 -8.83
CA VAL A 108 18.72 20.97 -9.64
C VAL A 108 20.18 21.41 -10.06
N CYS A 109 20.51 22.72 -10.12
CA CYS A 109 21.85 23.10 -10.54
C CYS A 109 22.74 23.53 -9.39
N ARG A 110 24.07 23.42 -9.63
CA ARG A 110 25.12 23.94 -8.77
C ARG A 110 25.28 25.42 -9.12
N ALA A 111 26.00 26.20 -8.31
CA ALA A 111 26.22 27.63 -8.58
C ALA A 111 26.85 27.88 -9.94
N ASP A 112 27.63 26.91 -10.47
CA ASP A 112 28.35 27.04 -11.76
C ASP A 112 27.58 26.54 -12.99
N GLY A 113 26.33 26.13 -12.83
CA GLY A 113 25.54 25.67 -13.97
C GLY A 113 25.70 24.22 -14.36
N THR A 114 26.30 23.42 -13.45
CA THR A 114 26.48 21.97 -13.58
C THR A 114 25.39 21.24 -12.74
N MET A 115 25.24 19.91 -12.95
CA MET A 115 24.30 19.08 -12.21
C MET A 115 24.64 19.00 -10.73
N ARG A 116 23.62 19.05 -9.87
CA ARG A 116 23.77 18.89 -8.44
C ARG A 116 24.13 17.43 -8.15
N LEU A 117 25.31 17.18 -7.59
CA LEU A 117 25.77 15.81 -7.33
C LEU A 117 26.44 15.69 -5.97
N GLY A 118 26.25 14.53 -5.33
CA GLY A 118 26.81 14.19 -4.03
C GLY A 118 26.49 15.21 -2.96
N GLU A 119 25.27 15.75 -3.01
CA GLU A 119 24.72 16.75 -2.09
C GLU A 119 24.41 16.06 -0.73
N PRO A 120 24.55 16.71 0.47
CA PRO A 120 24.93 18.12 0.73
C PRO A 120 26.39 18.42 0.35
N THR A 121 26.56 19.43 -0.53
CA THR A 121 27.84 19.92 -1.06
C THR A 121 28.15 21.25 -0.37
N SER A 122 29.42 21.44 0.03
CA SER A 122 29.88 22.67 0.68
C SER A 122 29.74 23.88 -0.24
N ASN A 123 29.30 25.02 0.35
CA ASN A 123 29.11 26.37 -0.23
C ASN A 123 27.88 26.47 -1.19
N GLU A 124 27.19 25.35 -1.47
CA GLU A 124 25.97 25.34 -2.29
C GLU A 124 24.76 25.61 -1.40
N THR A 125 23.65 26.16 -1.97
CA THR A 125 22.40 26.44 -1.21
C THR A 125 21.76 25.14 -0.69
N LEU A 126 20.73 25.25 0.18
CA LEU A 126 20.08 24.08 0.77
C LEU A 126 18.82 23.63 0.00
N SER A 127 18.46 24.30 -1.12
CA SER A 127 17.28 23.99 -1.94
C SER A 127 17.19 22.51 -2.35
N CYS A 128 18.34 21.88 -2.64
CA CYS A 128 18.39 20.48 -3.07
C CYS A 128 18.03 19.51 -1.91
N VAL A 129 18.67 19.68 -0.73
CA VAL A 129 18.48 18.77 0.42
C VAL A 129 17.02 18.84 0.93
N ILE A 130 16.42 20.06 1.03
CA ILE A 130 15.05 20.30 1.50
C ILE A 130 14.05 19.51 0.63
N ILE A 131 14.16 19.61 -0.71
CA ILE A 131 13.32 18.93 -1.70
C ILE A 131 13.51 17.41 -1.57
N PHE A 132 14.76 16.94 -1.42
CA PHE A 132 15.08 15.52 -1.21
C PHE A 132 14.38 15.02 0.08
N VAL A 133 14.58 15.76 1.21
CA VAL A 133 14.03 15.43 2.53
C VAL A 133 12.50 15.27 2.43
N ILE A 134 11.79 16.24 1.85
CA ILE A 134 10.34 16.21 1.66
C ILE A 134 9.92 14.95 0.86
N VAL A 135 10.46 14.78 -0.39
CA VAL A 135 10.10 13.69 -1.30
C VAL A 135 10.45 12.31 -0.70
N TYR A 136 11.71 12.11 -0.28
CA TYR A 136 12.15 10.82 0.26
C TYR A 136 11.43 10.48 1.56
N TYR A 137 11.41 11.39 2.55
CA TYR A 137 10.77 11.14 3.85
C TYR A 137 9.29 10.77 3.65
N ALA A 138 8.55 11.55 2.82
CA ALA A 138 7.14 11.33 2.53
C ALA A 138 6.92 9.99 1.80
N LEU A 139 7.84 9.64 0.87
CA LEU A 139 7.74 8.39 0.11
C LEU A 139 7.93 7.18 1.03
N MET A 140 8.90 7.26 1.97
CA MET A 140 9.23 6.15 2.87
C MET A 140 8.24 6.05 4.03
N ALA A 141 7.76 7.19 4.58
CA ALA A 141 6.76 7.14 5.67
C ALA A 141 5.44 6.54 5.15
N GLY A 142 5.12 6.84 3.90
CA GLY A 142 3.94 6.32 3.23
C GLY A 142 3.96 4.82 3.05
N VAL A 143 5.14 4.22 2.80
CA VAL A 143 5.24 2.76 2.60
C VAL A 143 5.34 2.03 3.95
N VAL A 144 5.91 2.64 5.01
CA VAL A 144 5.97 2.03 6.35
C VAL A 144 4.54 2.00 6.92
N TRP A 145 3.71 3.02 6.56
CA TRP A 145 2.29 3.08 6.92
C TRP A 145 1.54 1.96 6.19
N PHE A 146 1.98 1.57 4.99
CA PHE A 146 1.36 0.49 4.23
C PHE A 146 1.52 -0.83 5.00
N VAL A 147 2.73 -1.10 5.56
CA VAL A 147 3.01 -2.29 6.39
C VAL A 147 2.09 -2.26 7.65
N VAL A 148 1.88 -1.05 8.23
CA VAL A 148 1.01 -0.82 9.40
C VAL A 148 -0.45 -1.14 8.99
N LEU A 149 -0.87 -0.74 7.76
CA LEU A 149 -2.21 -1.07 7.24
C LEU A 149 -2.39 -2.61 7.15
N THR A 150 -1.40 -3.34 6.59
CA THR A 150 -1.49 -4.79 6.41
C THR A 150 -1.46 -5.53 7.77
N TYR A 151 -0.62 -5.06 8.72
CA TYR A 151 -0.51 -5.66 10.06
C TYR A 151 -1.83 -5.48 10.83
N ALA A 152 -2.35 -4.23 10.90
CA ALA A 152 -3.58 -3.87 11.60
C ALA A 152 -4.77 -4.64 11.02
N TRP A 153 -4.87 -4.74 9.68
CA TRP A 153 -5.93 -5.51 9.03
C TRP A 153 -5.84 -7.00 9.42
N HIS A 154 -4.62 -7.54 9.52
CA HIS A 154 -4.39 -8.93 9.94
C HIS A 154 -4.77 -9.13 11.43
N THR A 155 -4.30 -8.24 12.34
CA THR A 155 -4.54 -8.35 13.79
C THR A 155 -5.97 -7.98 14.21
N SER A 156 -6.71 -7.17 13.42
CA SER A 156 -8.06 -6.76 13.81
C SER A 156 -9.10 -7.90 13.64
N PHE A 157 -8.73 -9.03 13.00
CA PHE A 157 -9.61 -10.20 12.86
C PHE A 157 -9.80 -10.92 14.21
N LYS A 158 -8.83 -10.71 15.12
CA LYS A 158 -8.80 -11.29 16.48
C LYS A 158 -9.85 -10.64 17.41
N ALA A 159 -10.53 -9.56 16.94
CA ALA A 159 -11.58 -8.85 17.68
C ALA A 159 -12.78 -9.78 17.96
N LEU A 160 -13.44 -10.28 16.88
CA LEU A 160 -14.59 -11.20 16.94
C LEU A 160 -14.57 -12.12 15.72
N LEU A 167 -5.90 -3.59 18.83
CA LEU A 167 -4.82 -2.66 18.51
C LEU A 167 -4.55 -1.67 19.69
N SER A 168 -5.13 -1.95 20.89
CA SER A 168 -4.98 -1.12 22.11
C SER A 168 -3.54 -1.19 22.64
N GLY A 169 -2.86 -0.04 22.64
CA GLY A 169 -1.48 0.13 23.07
C GLY A 169 -0.48 0.21 21.93
N LYS A 170 -0.73 -0.58 20.86
CA LYS A 170 0.09 -0.70 19.65
C LYS A 170 0.12 0.60 18.80
N THR A 171 -0.92 1.45 18.89
CA THR A 171 -1.10 2.71 18.14
C THR A 171 0.15 3.61 18.22
N SER A 172 0.76 3.75 19.41
CA SER A 172 1.97 4.58 19.60
C SER A 172 3.19 3.96 18.94
N TYR A 173 3.23 2.61 18.82
CA TYR A 173 4.32 1.89 18.19
C TYR A 173 4.20 1.99 16.66
N PHE A 174 2.98 2.25 16.14
CA PHE A 174 2.74 2.48 14.73
C PHE A 174 3.38 3.81 14.30
N HIS A 175 3.18 4.88 15.11
CA HIS A 175 3.73 6.23 14.90
C HIS A 175 5.24 6.27 15.11
N LEU A 176 5.74 5.57 16.14
CA LEU A 176 7.17 5.49 16.42
C LEU A 176 7.89 4.90 15.22
N LEU A 177 7.40 3.74 14.70
CA LEU A 177 7.99 3.03 13.57
C LEU A 177 7.87 3.82 12.25
N THR A 178 6.69 4.40 11.94
CA THR A 178 6.45 5.12 10.68
C THR A 178 7.13 6.50 10.60
N TRP A 179 7.36 7.19 11.73
CA TRP A 179 7.97 8.52 11.65
C TRP A 179 9.49 8.49 11.95
N SER A 180 9.97 7.52 12.77
CA SER A 180 11.40 7.47 13.11
C SER A 180 12.21 6.65 12.09
N LEU A 181 11.63 5.60 11.46
CA LEU A 181 12.36 4.81 10.46
C LEU A 181 12.77 5.67 9.22
N PRO A 182 11.85 6.43 8.56
CA PRO A 182 12.29 7.26 7.43
C PRO A 182 13.19 8.40 7.88
N PHE A 183 13.14 8.76 9.17
CA PHE A 183 14.01 9.79 9.73
C PHE A 183 15.47 9.30 9.69
N VAL A 184 15.73 8.09 10.22
CA VAL A 184 17.04 7.43 10.28
C VAL A 184 17.59 7.29 8.86
N LEU A 185 16.76 6.86 7.90
CA LEU A 185 17.15 6.67 6.49
C LEU A 185 17.54 7.99 5.84
N THR A 186 16.79 9.08 6.11
CA THR A 186 17.04 10.43 5.58
C THR A 186 18.37 10.97 6.12
N VAL A 187 18.61 10.87 7.44
CA VAL A 187 19.85 11.35 8.07
C VAL A 187 21.06 10.54 7.52
N ALA A 188 20.88 9.21 7.30
CA ALA A 188 21.94 8.33 6.78
C ALA A 188 22.37 8.74 5.35
N ILE A 189 21.41 9.12 4.49
CA ILE A 189 21.70 9.53 3.11
C ILE A 189 22.53 10.81 3.11
N LEU A 190 22.18 11.78 4.01
CA LEU A 190 22.86 13.07 4.14
C LEU A 190 24.28 12.86 4.71
N ALA A 191 24.46 11.92 5.64
CA ALA A 191 25.75 11.57 6.26
C ALA A 191 26.74 11.03 5.21
N VAL A 192 26.25 10.22 4.24
CA VAL A 192 27.06 9.63 3.15
C VAL A 192 27.04 10.56 1.91
N ALA A 193 26.20 11.64 1.95
CA ALA A 193 26.01 12.66 0.92
C ALA A 193 25.81 12.01 -0.47
N GLN A 194 24.66 11.35 -0.67
CA GLN A 194 24.37 10.67 -1.93
C GLN A 194 23.08 11.20 -2.58
N VAL A 195 22.82 12.51 -2.40
CA VAL A 195 21.68 13.21 -3.01
C VAL A 195 22.17 13.82 -4.35
N ASP A 196 21.44 13.52 -5.44
CA ASP A 196 21.73 14.00 -6.79
C ASP A 196 20.53 14.74 -7.36
N GLY A 197 20.78 15.78 -8.13
CA GLY A 197 19.75 16.57 -8.78
C GLY A 197 19.43 16.03 -10.16
N ASP A 198 18.21 16.29 -10.64
CA ASP A 198 17.80 15.86 -11.98
C ASP A 198 16.76 16.82 -12.52
N SER A 199 17.01 17.36 -13.72
CA SER A 199 16.11 18.33 -14.34
C SER A 199 14.84 17.66 -14.94
N VAL A 200 14.88 16.36 -15.35
CA VAL A 200 13.66 15.76 -15.91
C VAL A 200 12.63 15.51 -14.75
N SER A 201 13.04 14.86 -13.62
CA SER A 201 12.08 14.67 -12.52
C SER A 201 11.84 16.01 -11.77
N GLY A 202 12.79 16.95 -11.90
CA GLY A 202 12.75 18.27 -11.28
C GLY A 202 12.88 18.27 -9.77
N ILE A 203 13.47 17.18 -9.21
CA ILE A 203 13.69 17.00 -7.76
C ILE A 203 15.13 16.55 -7.50
N CYS A 204 15.48 16.44 -6.23
CA CYS A 204 16.75 15.91 -5.76
C CYS A 204 16.46 14.59 -5.11
N PHE A 205 17.26 13.54 -5.38
CA PHE A 205 16.97 12.22 -4.84
C PHE A 205 18.25 11.41 -4.58
N VAL A 206 18.14 10.28 -3.90
CA VAL A 206 19.24 9.40 -3.51
C VAL A 206 19.50 8.33 -4.60
N GLY A 207 20.78 8.13 -4.90
CA GLY A 207 21.23 7.08 -5.82
C GLY A 207 20.88 7.21 -7.30
N TYR A 208 20.63 8.46 -7.78
CA TYR A 208 20.42 8.73 -9.19
C TYR A 208 21.70 8.35 -9.98
N LYS A 209 22.87 8.79 -9.45
CA LYS A 209 24.20 8.53 -10.04
C LYS A 209 24.78 7.18 -9.54
N ASN A 210 25.02 7.03 -8.22
CA ASN A 210 25.56 5.80 -7.64
C ASN A 210 24.39 4.86 -7.28
N TYR A 211 24.06 3.95 -8.21
CA TYR A 211 22.94 3.00 -8.15
C TYR A 211 22.94 2.07 -6.91
N ARG A 212 24.11 1.86 -6.26
CA ARG A 212 24.21 1.04 -5.06
C ARG A 212 23.43 1.65 -3.91
N TYR A 213 23.35 2.99 -3.87
CA TYR A 213 22.64 3.73 -2.83
C TYR A 213 21.14 3.71 -3.04
N ARG A 214 20.69 3.51 -4.28
CA ARG A 214 19.27 3.32 -4.58
C ARG A 214 18.86 1.95 -4.05
N ALA A 215 19.74 0.96 -4.26
CA ALA A 215 19.55 -0.41 -3.80
C ALA A 215 19.38 -0.47 -2.27
N GLY A 216 20.26 0.21 -1.54
CA GLY A 216 20.25 0.22 -0.08
C GLY A 216 19.24 1.11 0.59
N PHE A 217 18.87 2.25 -0.03
CA PHE A 217 17.95 3.21 0.58
C PHE A 217 16.57 3.29 -0.10
N VAL A 218 16.35 2.58 -1.21
CA VAL A 218 15.05 2.59 -1.89
C VAL A 218 14.59 1.12 -2.08
N LEU A 219 15.35 0.30 -2.83
CA LEU A 219 14.99 -1.10 -3.12
C LEU A 219 14.95 -1.98 -1.87
N ALA A 220 15.97 -1.91 -0.98
CA ALA A 220 15.97 -2.74 0.23
C ALA A 220 14.78 -2.37 1.15
N PRO A 221 14.52 -1.06 1.54
CA PRO A 221 13.35 -0.80 2.40
C PRO A 221 12.03 -1.15 1.70
N ILE A 222 11.82 -0.77 0.42
CA ILE A 222 10.59 -1.13 -0.31
C ILE A 222 10.48 -2.66 -0.42
N GLY A 223 11.60 -3.32 -0.71
CA GLY A 223 11.69 -4.79 -0.81
C GLY A 223 11.22 -5.49 0.45
N LEU A 224 11.70 -5.04 1.62
CA LEU A 224 11.33 -5.58 2.92
C LEU A 224 9.84 -5.31 3.23
N VAL A 225 9.26 -4.16 2.79
CA VAL A 225 7.83 -3.87 3.05
C VAL A 225 6.95 -4.80 2.18
N LEU A 226 7.44 -5.22 1.01
CA LEU A 226 6.67 -6.12 0.14
C LEU A 226 6.60 -7.54 0.74
N ILE A 227 7.69 -8.03 1.37
CA ILE A 227 7.72 -9.40 1.93
C ILE A 227 6.95 -9.42 3.30
N VAL A 228 7.01 -8.33 4.11
CA VAL A 228 6.35 -8.21 5.43
C VAL A 228 4.85 -7.88 5.20
N GLY A 229 4.57 -6.85 4.38
CA GLY A 229 3.21 -6.44 4.03
C GLY A 229 2.49 -7.54 3.27
N GLY A 230 3.23 -8.27 2.42
CA GLY A 230 2.74 -9.40 1.65
C GLY A 230 2.29 -10.54 2.54
N TYR A 231 3.15 -10.90 3.52
CA TYR A 231 2.89 -11.96 4.51
C TYR A 231 1.62 -11.67 5.33
N PHE A 232 1.42 -10.41 5.79
CA PHE A 232 0.24 -10.08 6.60
C PHE A 232 -1.02 -9.99 5.74
N LEU A 233 -0.89 -9.71 4.41
CA LEU A 233 -2.04 -9.68 3.50
C LEU A 233 -2.54 -11.10 3.26
N ILE A 234 -1.61 -12.07 3.04
CA ILE A 234 -1.95 -13.49 2.80
C ILE A 234 -2.57 -14.06 4.06
N ARG A 235 -1.99 -13.79 5.24
CA ARG A 235 -2.52 -14.28 6.53
C ARG A 235 -3.90 -13.71 6.84
N GLY A 236 -4.13 -12.45 6.48
CA GLY A 236 -5.40 -11.78 6.67
C GLY A 236 -6.48 -12.25 5.71
N VAL A 237 -6.09 -12.49 4.42
CA VAL A 237 -7.04 -12.94 3.40
C VAL A 237 -7.42 -14.42 3.67
N MET A 238 -6.47 -15.22 4.24
CA MET A 238 -6.73 -16.61 4.61
C MET A 238 -7.73 -16.68 5.76
N THR A 239 -7.54 -15.82 6.77
CA THR A 239 -8.39 -15.71 7.96
C THR A 239 -9.80 -15.25 7.56
N LEU A 240 -9.90 -14.29 6.63
CA LEU A 240 -11.15 -13.73 6.11
C LEU A 240 -12.01 -14.84 5.45
N PHE A 241 -11.43 -15.63 4.52
CA PHE A 241 -12.20 -16.69 3.85
C PHE A 241 -12.46 -17.86 4.80
N SER A 242 -11.63 -18.01 5.85
CA SER A 242 -11.85 -19.04 6.89
C SER A 242 -13.07 -18.66 7.74
N ILE A 243 -13.21 -17.37 8.11
CA ILE A 243 -14.33 -16.86 8.91
C ILE A 243 -15.60 -16.89 8.04
N LYS A 244 -15.51 -16.34 6.81
CA LYS A 244 -16.62 -16.30 5.86
C LYS A 244 -17.20 -17.70 5.56
N SER A 245 -16.34 -18.72 5.27
CA SER A 245 -16.80 -20.09 4.98
C SER A 245 -17.45 -20.77 6.19
N ASN A 246 -16.83 -20.66 7.39
CA ASN A 246 -17.38 -21.29 8.61
C ASN A 246 -18.71 -20.64 8.99
N HIS A 247 -18.86 -19.31 8.78
CA HIS A 247 -20.07 -18.54 9.05
C HIS A 247 -21.21 -18.98 8.14
N ALA A 248 -20.94 -19.05 6.81
CA ALA A 248 -21.89 -19.50 5.79
C ALA A 248 -22.28 -20.96 6.02
N ASP A 249 -21.34 -21.80 6.52
CA ASP A 249 -21.63 -23.22 6.86
C ASP A 249 -22.65 -23.29 7.96
N LEU A 250 -22.47 -22.48 9.03
CA LEU A 250 -23.37 -22.39 10.17
C LEU A 250 -24.74 -21.92 9.71
N GLU A 251 -24.80 -20.85 8.89
CA GLU A 251 -26.02 -20.27 8.36
C GLU A 251 -26.80 -21.31 7.56
N ASP A 252 -26.08 -22.14 6.78
CA ASP A 252 -26.66 -23.20 5.97
C ASP A 252 -27.18 -24.33 6.84
N ASN A 253 -26.48 -24.62 7.96
CA ASN A 253 -26.89 -25.67 8.90
C ASN A 253 -28.07 -25.19 9.73
N TRP A 254 -28.06 -23.92 10.16
CA TRP A 254 -29.15 -23.26 10.89
C TRP A 254 -30.43 -23.31 10.05
N GLU A 255 -30.31 -22.99 8.74
CA GLU A 255 -31.41 -22.99 7.78
C GLU A 255 -31.98 -24.38 7.57
N THR A 256 -31.12 -25.43 7.63
CA THR A 256 -31.53 -26.84 7.51
C THR A 256 -32.38 -27.22 8.75
N LEU A 257 -31.93 -26.81 9.96
CA LEU A 257 -32.62 -27.06 11.23
C LEU A 257 -33.96 -26.34 11.27
N ASN A 258 -34.01 -25.09 10.74
CA ASN A 258 -35.22 -24.26 10.67
C ASN A 258 -36.29 -24.85 9.74
N ASP A 259 -35.88 -25.40 8.59
CA ASP A 259 -36.78 -25.98 7.59
C ASP A 259 -37.33 -27.33 8.05
N ASN A 260 -36.52 -28.18 8.69
CA ASN A 260 -36.97 -29.48 9.18
C ASN A 260 -37.79 -29.34 10.45
N LEU A 261 -37.66 -28.21 11.18
CA LEU A 261 -38.49 -27.93 12.35
C LEU A 261 -39.92 -27.59 11.91
N LYS A 262 -40.06 -26.96 10.72
CA LYS A 262 -41.34 -26.60 10.10
C LYS A 262 -42.08 -27.88 9.69
N VAL A 263 -41.32 -28.88 9.17
CA VAL A 263 -41.81 -30.18 8.71
C VAL A 263 -42.43 -30.98 9.89
N ILE A 264 -41.74 -31.04 11.06
CA ILE A 264 -42.19 -31.75 12.27
C ILE A 264 -43.47 -31.06 12.83
N GLU A 265 -43.56 -29.73 12.67
CA GLU A 265 -44.70 -28.92 13.14
C GLU A 265 -45.99 -29.22 12.34
N LYS A 266 -45.87 -29.46 11.02
CA LYS A 266 -47.01 -29.72 10.14
C LYS A 266 -47.09 -31.21 9.71
N ALA A 267 -46.47 -32.13 10.51
CA ALA A 267 -46.47 -33.57 10.27
C ALA A 267 -47.71 -34.25 10.86
N ASP A 268 -48.15 -35.37 10.25
CA ASP A 268 -49.31 -36.14 10.70
C ASP A 268 -48.96 -37.64 10.88
N ASN A 269 -47.66 -37.99 10.79
CA ASN A 269 -47.16 -39.37 10.99
C ASN A 269 -45.70 -39.33 11.48
N ALA A 270 -45.29 -40.39 12.22
CA ALA A 270 -43.95 -40.56 12.81
C ALA A 270 -42.85 -40.71 11.75
N ALA A 271 -43.18 -41.21 10.55
CA ALA A 271 -42.22 -41.36 9.45
C ALA A 271 -41.76 -39.99 8.93
N GLN A 272 -42.67 -38.99 8.91
CA GLN A 272 -42.36 -37.61 8.50
C GLN A 272 -41.49 -36.93 9.55
N VAL A 273 -41.74 -37.24 10.84
CA VAL A 273 -41.02 -36.74 12.01
C VAL A 273 -39.61 -37.37 12.03
N LYS A 274 -39.51 -38.73 11.93
CA LYS A 274 -38.25 -39.48 11.93
C LYS A 274 -37.31 -39.01 10.78
N ASP A 275 -37.87 -38.77 9.58
CA ASP A 275 -37.12 -38.31 8.41
C ASP A 275 -36.52 -36.92 8.64
N ALA A 276 -37.31 -35.97 9.20
CA ALA A 276 -36.85 -34.61 9.46
C ALA A 276 -35.84 -34.55 10.60
N LEU A 277 -35.99 -35.42 11.64
CA LEU A 277 -35.07 -35.50 12.78
C LEU A 277 -33.69 -36.01 12.35
N THR A 278 -33.62 -37.00 11.42
CA THR A 278 -32.34 -37.54 10.93
C THR A 278 -31.59 -36.49 10.11
N LYS A 279 -32.32 -35.66 9.32
CA LYS A 279 -31.76 -34.56 8.54
C LYS A 279 -31.25 -33.45 9.48
N MET A 280 -31.93 -33.28 10.65
CA MET A 280 -31.54 -32.34 11.71
C MET A 280 -30.30 -32.83 12.44
N ARG A 281 -30.20 -34.16 12.63
CA ARG A 281 -29.06 -34.81 13.28
C ARG A 281 -27.80 -34.69 12.43
N ALA A 282 -27.95 -34.79 11.08
CA ALA A 282 -26.85 -34.66 10.11
C ALA A 282 -26.29 -33.24 10.13
N ALA A 283 -27.19 -32.22 10.11
CA ALA A 283 -26.85 -30.80 10.14
C ALA A 283 -26.12 -30.43 11.45
N ALA A 284 -26.63 -30.91 12.62
CA ALA A 284 -26.06 -30.67 13.94
C ALA A 284 -24.61 -31.21 14.04
N LEU A 285 -24.36 -32.44 13.55
CA LEU A 285 -23.03 -33.07 13.58
C LEU A 285 -22.07 -32.39 12.57
N ASP A 286 -22.61 -31.84 11.47
CA ASP A 286 -21.86 -31.14 10.43
C ASP A 286 -21.46 -29.74 10.90
N ALA A 287 -22.37 -29.05 11.60
CA ALA A 287 -22.14 -27.72 12.15
C ALA A 287 -21.17 -27.78 13.33
N GLN A 288 -21.15 -28.92 14.04
CA GLN A 288 -20.25 -29.20 15.17
C GLN A 288 -18.80 -29.28 14.68
N LYS A 289 -18.60 -29.78 13.44
CA LYS A 289 -17.29 -29.91 12.77
C LYS A 289 -16.69 -28.54 12.46
N ALA A 290 -17.54 -27.54 12.14
CA ALA A 290 -17.15 -26.17 11.82
C ALA A 290 -16.42 -25.51 13.00
N THR A 291 -15.54 -24.54 12.68
CA THR A 291 -14.78 -23.80 13.67
C THR A 291 -15.54 -22.49 13.96
N PRO A 292 -15.95 -22.24 15.23
CA PRO A 292 -16.65 -20.98 15.54
C PRO A 292 -15.76 -19.76 15.30
N PRO A 293 -16.34 -18.61 14.87
CA PRO A 293 -15.52 -17.41 14.59
C PRO A 293 -14.84 -16.82 15.84
N LYS A 294 -15.41 -17.07 17.04
CA LYS A 294 -14.88 -16.62 18.33
C LYS A 294 -13.56 -17.32 18.64
N LEU A 295 -13.41 -18.57 18.17
CA LEU A 295 -12.23 -19.42 18.32
C LEU A 295 -11.67 -19.83 16.95
N GLU A 296 -11.70 -18.89 15.97
CA GLU A 296 -11.22 -19.08 14.60
C GLU A 296 -9.69 -19.20 14.55
N ASP A 297 -8.99 -18.60 15.54
CA ASP A 297 -7.52 -18.63 15.68
C ASP A 297 -7.08 -19.34 16.98
N LYS A 298 -8.04 -19.94 17.72
CA LYS A 298 -7.82 -20.65 18.99
C LYS A 298 -7.69 -22.18 18.79
N SER A 299 -7.08 -22.85 19.79
CA SER A 299 -6.82 -24.30 19.88
C SER A 299 -8.09 -25.16 19.63
N PRO A 300 -7.99 -26.36 18.99
CA PRO A 300 -9.20 -27.19 18.77
C PRO A 300 -9.72 -27.85 20.08
N ASP A 301 -8.98 -27.66 21.19
CA ASP A 301 -9.33 -28.19 22.51
C ASP A 301 -9.32 -27.05 23.57
N SER A 302 -9.50 -25.79 23.11
CA SER A 302 -9.55 -24.59 23.95
C SER A 302 -10.86 -24.54 24.76
N PRO A 303 -10.96 -23.76 25.88
CA PRO A 303 -12.24 -23.74 26.65
C PRO A 303 -13.44 -23.31 25.81
N GLU A 304 -13.21 -22.34 24.88
CA GLU A 304 -14.21 -21.78 23.97
C GLU A 304 -14.66 -22.82 22.92
N MET A 305 -13.72 -23.67 22.46
CA MET A 305 -13.96 -24.71 21.46
C MET A 305 -14.79 -25.86 22.03
N LYS A 306 -14.52 -26.26 23.29
CA LYS A 306 -15.23 -27.32 24.00
C LYS A 306 -16.68 -26.91 24.22
N ASP A 307 -16.90 -25.61 24.55
CA ASP A 307 -18.19 -24.97 24.79
C ASP A 307 -19.09 -25.04 23.55
N PHE A 308 -18.55 -24.66 22.38
CA PHE A 308 -19.25 -24.68 21.09
C PHE A 308 -19.72 -26.10 20.76
N ARG A 309 -18.80 -27.09 20.83
CA ARG A 309 -19.11 -28.49 20.53
C ARG A 309 -20.15 -29.05 21.51
N HIS A 310 -20.07 -28.68 22.81
CA HIS A 310 -20.97 -29.13 23.86
C HIS A 310 -22.44 -28.82 23.53
N GLY A 311 -22.71 -27.60 23.03
CA GLY A 311 -24.04 -27.18 22.59
C GLY A 311 -24.67 -28.09 21.56
N PHE A 312 -23.87 -28.59 20.60
CA PHE A 312 -24.35 -29.50 19.58
C PHE A 312 -24.51 -30.90 20.14
N ASP A 313 -23.73 -31.29 21.17
CA ASP A 313 -23.85 -32.59 21.83
C ASP A 313 -25.19 -32.66 22.54
N ILE A 314 -25.61 -31.52 23.16
CA ILE A 314 -26.91 -31.38 23.83
C ILE A 314 -28.02 -31.48 22.78
N LEU A 315 -27.92 -30.65 21.73
CA LEU A 315 -28.85 -30.56 20.60
C LEU A 315 -29.05 -31.95 19.95
N VAL A 316 -27.96 -32.76 19.84
CA VAL A 316 -28.00 -34.12 19.26
C VAL A 316 -28.77 -35.04 20.23
N GLY A 317 -28.50 -34.92 21.54
CA GLY A 317 -29.17 -35.68 22.59
C GLY A 317 -30.67 -35.51 22.57
N GLN A 318 -31.12 -34.26 22.44
CA GLN A 318 -32.52 -33.86 22.37
C GLN A 318 -33.17 -34.27 21.03
N ILE A 319 -32.36 -34.46 19.96
CA ILE A 319 -32.83 -34.92 18.65
C ILE A 319 -33.04 -36.44 18.78
N ASP A 320 -32.08 -37.14 19.42
CA ASP A 320 -32.12 -38.59 19.68
C ASP A 320 -33.24 -38.96 20.66
N ASP A 321 -33.52 -38.11 21.67
CA ASP A 321 -34.58 -38.33 22.65
C ASP A 321 -35.95 -38.28 21.96
N ALA A 322 -36.10 -37.38 20.97
CA ALA A 322 -37.32 -37.25 20.16
C ALA A 322 -37.38 -38.36 19.13
N LEU A 323 -36.20 -38.86 18.69
CA LEU A 323 -36.07 -39.95 17.70
C LEU A 323 -36.48 -41.29 18.32
N LYS A 324 -36.14 -41.53 19.62
CA LYS A 324 -36.48 -42.75 20.37
C LYS A 324 -38.00 -42.96 20.42
N LEU A 325 -38.75 -41.88 20.72
CA LEU A 325 -40.21 -41.85 20.83
C LEU A 325 -40.87 -42.08 19.45
N ALA A 326 -40.37 -41.39 18.41
CA ALA A 326 -40.86 -41.44 17.03
C ALA A 326 -40.59 -42.81 16.37
N ASN A 327 -39.40 -43.42 16.61
CA ASN A 327 -38.97 -44.71 16.06
C ASN A 327 -39.88 -45.84 16.52
N GLU A 328 -40.41 -45.76 17.75
CA GLU A 328 -41.29 -46.78 18.31
C GLU A 328 -42.75 -46.56 17.90
N GLY A 329 -43.26 -45.33 17.99
CA GLY A 329 -44.62 -45.01 17.61
C GLY A 329 -45.21 -43.70 18.07
N LYS A 330 -44.68 -43.13 19.18
CA LYS A 330 -45.15 -41.86 19.77
C LYS A 330 -44.87 -40.68 18.82
N VAL A 331 -45.95 -40.03 18.34
CA VAL A 331 -45.89 -38.90 17.40
C VAL A 331 -45.99 -37.55 18.14
N LYS A 332 -46.98 -37.41 19.04
CA LYS A 332 -47.21 -36.18 19.82
C LYS A 332 -46.04 -35.87 20.77
N GLU A 333 -45.50 -36.92 21.41
CA GLU A 333 -44.40 -36.85 22.39
C GLU A 333 -43.07 -36.44 21.72
N ALA A 334 -42.93 -36.72 20.40
CA ALA A 334 -41.75 -36.38 19.60
C ALA A 334 -41.83 -34.95 19.05
N GLN A 335 -43.02 -34.51 18.58
CA GLN A 335 -43.28 -33.18 18.01
C GLN A 335 -43.10 -32.06 19.04
N ALA A 336 -43.49 -32.32 20.31
CA ALA A 336 -43.38 -31.35 21.40
C ALA A 336 -41.91 -31.10 21.78
N ALA A 337 -41.06 -32.13 21.65
CA ALA A 337 -39.63 -32.10 21.93
C ALA A 337 -38.87 -31.23 20.92
N ALA A 338 -39.40 -31.10 19.68
CA ALA A 338 -38.84 -30.31 18.59
C ALA A 338 -38.96 -28.80 18.88
N GLU A 339 -40.00 -28.41 19.63
CA GLU A 339 -40.21 -27.02 20.03
C GLU A 339 -39.13 -26.60 21.06
N GLN A 340 -38.68 -27.56 21.90
CA GLN A 340 -37.66 -27.37 22.92
C GLN A 340 -36.26 -27.23 22.29
N LEU A 341 -36.08 -27.78 21.07
CA LEU A 341 -34.85 -27.72 20.28
C LEU A 341 -34.57 -26.30 19.81
N LYS A 342 -35.64 -25.48 19.60
CA LYS A 342 -35.57 -24.08 19.16
C LYS A 342 -34.90 -23.19 20.22
N THR A 343 -35.15 -23.49 21.51
CA THR A 343 -34.59 -22.76 22.65
C THR A 343 -33.09 -23.05 22.74
N THR A 344 -32.71 -24.35 22.68
CA THR A 344 -31.34 -24.85 22.72
C THR A 344 -30.54 -24.28 21.53
N ARG A 345 -31.18 -24.18 20.34
CA ARG A 345 -30.60 -23.62 19.12
C ARG A 345 -30.23 -22.13 19.34
N ASN A 346 -31.16 -21.32 19.87
CA ASN A 346 -30.94 -19.90 20.12
C ASN A 346 -29.93 -19.66 21.25
N ALA A 347 -29.90 -20.53 22.27
CA ALA A 347 -29.03 -20.36 23.43
C ALA A 347 -27.60 -20.83 23.17
N TYR A 348 -27.40 -21.81 22.29
CA TYR A 348 -26.09 -22.39 22.03
C TYR A 348 -25.53 -22.13 20.61
N ILE A 349 -26.36 -21.77 19.61
CA ILE A 349 -25.85 -21.58 18.24
C ILE A 349 -25.86 -20.10 17.83
N GLN A 350 -27.03 -19.41 17.93
CA GLN A 350 -27.28 -18.02 17.54
C GLN A 350 -26.13 -17.07 17.94
N LYS A 351 -25.50 -17.32 19.11
CA LYS A 351 -24.36 -16.60 19.68
C LYS A 351 -23.14 -16.62 18.71
N TYR A 352 -22.93 -17.76 17.99
CA TYR A 352 -21.81 -18.00 17.06
C TYR A 352 -22.09 -17.51 15.62
N LEU A 353 -23.37 -17.40 15.22
CA LEU A 353 -23.76 -16.89 13.90
C LEU A 353 -23.65 -15.35 13.85
N ALA A 354 -23.45 -14.71 15.01
CA ALA A 354 -23.34 -13.26 15.12
C ALA A 354 -21.88 -12.80 15.17
N ALA A 355 -21.01 -13.60 15.83
CA ALA A 355 -19.58 -13.35 16.03
C ALA A 355 -18.72 -13.50 14.75
N SER A 356 -19.33 -13.78 13.58
CA SER A 356 -18.62 -13.96 12.31
C SER A 356 -19.03 -12.95 11.25
N LYS A 357 -19.90 -11.98 11.58
CA LYS A 357 -20.32 -10.96 10.65
C LYS A 357 -19.19 -9.93 10.48
N ILE A 358 -18.40 -10.10 9.38
CA ILE A 358 -17.27 -9.24 9.03
C ILE A 358 -17.84 -7.93 8.47
N ASN A 359 -17.55 -6.81 9.18
CA ASN A 359 -18.00 -5.45 8.85
C ASN A 359 -17.38 -4.95 7.54
N GLU A 360 -18.06 -3.97 6.87
CA GLU A 360 -17.68 -3.38 5.58
C GLU A 360 -16.30 -2.72 5.63
N THR A 361 -15.91 -2.10 6.77
CA THR A 361 -14.61 -1.43 6.94
C THR A 361 -13.50 -2.45 6.71
N MET A 362 -13.58 -3.59 7.40
CA MET A 362 -12.66 -4.71 7.33
C MET A 362 -12.64 -5.32 5.91
N LEU A 363 -13.79 -5.28 5.22
CA LEU A 363 -13.93 -5.79 3.85
C LEU A 363 -13.16 -4.90 2.86
N ARG A 364 -13.30 -3.55 2.94
CA ARG A 364 -12.61 -2.71 1.97
C ARG A 364 -11.15 -2.40 2.40
N LEU A 365 -10.80 -2.58 3.70
CA LEU A 365 -9.45 -2.38 4.23
C LEU A 365 -8.50 -3.40 3.62
N GLY A 366 -9.06 -4.56 3.24
CA GLY A 366 -8.34 -5.63 2.57
C GLY A 366 -8.15 -5.33 1.09
N ILE A 367 -9.17 -4.71 0.46
CA ILE A 367 -9.16 -4.34 -0.97
C ILE A 367 -8.07 -3.29 -1.17
N PHE A 368 -8.03 -2.29 -0.28
CA PHE A 368 -7.08 -1.19 -0.32
C PHE A 368 -5.65 -1.70 -0.08
N GLY A 369 -5.47 -2.66 0.83
CA GLY A 369 -4.18 -3.26 1.12
C GLY A 369 -3.60 -3.99 -0.07
N PHE A 370 -4.44 -4.76 -0.77
CA PHE A 370 -4.02 -5.50 -1.97
C PHE A 370 -3.74 -4.54 -3.14
N LEU A 371 -4.59 -3.50 -3.30
CA LEU A 371 -4.44 -2.48 -4.33
C LEU A 371 -3.14 -1.69 -4.11
N ALA A 372 -2.86 -1.33 -2.83
CA ALA A 372 -1.63 -0.62 -2.48
C ALA A 372 -0.39 -1.49 -2.74
N PHE A 373 -0.46 -2.80 -2.43
CA PHE A 373 0.60 -3.79 -2.67
C PHE A 373 1.02 -3.82 -4.14
N GLY A 374 0.04 -3.85 -5.05
CA GLY A 374 0.26 -3.87 -6.50
C GLY A 374 1.07 -2.70 -7.00
N PHE A 375 0.67 -1.48 -6.60
CA PHE A 375 1.35 -0.24 -6.96
C PHE A 375 2.77 -0.17 -6.37
N VAL A 376 2.97 -0.68 -5.13
CA VAL A 376 4.28 -0.68 -4.47
C VAL A 376 5.19 -1.74 -5.18
N LEU A 377 4.61 -2.85 -5.68
CA LEU A 377 5.32 -3.88 -6.43
C LEU A 377 5.81 -3.33 -7.77
N ILE A 378 5.01 -2.45 -8.42
CA ILE A 378 5.35 -1.82 -9.71
C ILE A 378 6.50 -0.85 -9.48
N THR A 379 6.38 0.01 -8.45
CA THR A 379 7.37 0.98 -7.99
C THR A 379 8.70 0.23 -7.81
N PHE A 380 8.69 -0.89 -7.08
CA PHE A 380 9.85 -1.73 -6.83
C PHE A 380 10.51 -2.19 -8.14
N SER A 381 9.71 -2.74 -9.08
CA SER A 381 10.16 -3.27 -10.37
C SER A 381 10.83 -2.18 -11.23
N CYS A 382 10.27 -0.95 -11.26
CA CYS A 382 10.82 0.16 -12.02
C CYS A 382 12.12 0.63 -11.36
N HIS A 383 12.12 0.78 -10.03
CA HIS A 383 13.35 1.15 -9.31
C HIS A 383 14.44 0.09 -9.50
N PHE A 384 14.03 -1.19 -9.66
CA PHE A 384 14.96 -2.29 -9.89
C PHE A 384 15.60 -2.14 -11.25
N TYR A 385 14.78 -1.85 -12.30
CA TYR A 385 15.20 -1.65 -13.68
C TYR A 385 16.29 -0.57 -13.77
N ASP A 386 16.08 0.58 -13.13
CA ASP A 386 17.02 1.70 -13.10
C ASP A 386 18.32 1.34 -12.37
N PHE A 387 18.22 0.59 -11.26
CA PHE A 387 19.38 0.12 -10.47
C PHE A 387 20.26 -0.79 -11.33
N PHE A 388 19.63 -1.77 -11.98
CA PHE A 388 20.27 -2.80 -12.77
C PHE A 388 20.98 -2.23 -14.01
N ASN A 389 20.41 -1.19 -14.63
CA ASN A 389 20.89 -0.67 -15.90
C ASN A 389 21.70 0.64 -15.80
N GLN A 390 21.86 1.23 -14.60
CA GLN A 390 22.59 2.49 -14.42
C GLN A 390 24.08 2.35 -14.77
N ALA A 391 24.72 1.19 -14.52
CA ALA A 391 26.16 1.01 -14.84
C ALA A 391 26.41 1.11 -16.36
N GLU A 392 25.47 0.63 -17.18
CA GLU A 392 25.58 0.70 -18.61
C GLU A 392 25.18 2.08 -19.13
N TRP A 393 24.30 2.78 -18.41
CA TRP A 393 23.94 4.12 -18.82
C TRP A 393 25.09 5.09 -18.56
N GLU A 394 25.94 4.79 -17.56
CA GLU A 394 27.11 5.59 -17.22
C GLU A 394 28.26 5.34 -18.18
N ARG A 395 28.50 4.08 -18.65
CA ARG A 395 29.62 3.85 -19.59
C ARG A 395 29.23 4.45 -20.98
N SER A 396 27.92 4.40 -21.35
CA SER A 396 27.41 4.99 -22.58
C SER A 396 27.69 6.49 -22.61
N PHE A 397 27.34 7.18 -21.51
CA PHE A 397 27.50 8.61 -21.28
C PHE A 397 28.99 8.99 -21.34
N ARG A 398 29.85 8.26 -20.59
CA ARG A 398 31.31 8.47 -20.54
C ARG A 398 31.92 8.38 -21.94
N ASP A 399 31.55 7.35 -22.72
CA ASP A 399 32.03 7.14 -24.09
C ASP A 399 31.58 8.27 -25.00
N TYR A 400 30.33 8.71 -24.85
CA TYR A 400 29.75 9.82 -25.61
C TYR A 400 30.47 11.15 -25.31
N VAL A 401 30.77 11.43 -24.02
CA VAL A 401 31.47 12.63 -23.56
C VAL A 401 32.87 12.66 -24.18
N LEU A 402 33.65 11.57 -24.04
CA LEU A 402 35.02 11.46 -24.59
C LEU A 402 35.03 11.44 -26.12
N CYS A 403 33.92 11.05 -26.77
CA CYS A 403 33.77 11.08 -28.22
C CYS A 403 33.62 12.54 -28.67
N GLN A 404 32.75 13.29 -27.98
CA GLN A 404 32.45 14.70 -28.26
C GLN A 404 33.62 15.63 -27.94
N ALA A 405 34.40 15.29 -26.90
CA ALA A 405 35.54 16.09 -26.44
C ALA A 405 36.77 15.86 -27.33
N ASN A 406 36.77 14.80 -28.16
CA ASN A 406 37.82 14.46 -29.13
C ASN A 406 37.64 15.35 -30.39
N VAL A 407 37.83 16.66 -30.20
CA VAL A 407 37.66 17.72 -31.20
C VAL A 407 39.00 18.04 -31.90
N THR A 408 38.91 18.38 -33.20
CA THR A 408 40.04 18.75 -34.06
C THR A 408 40.58 20.10 -33.61
N ILE A 409 41.90 20.17 -33.39
CA ILE A 409 42.62 21.37 -32.96
C ILE A 409 43.43 21.93 -34.12
N GLY A 410 43.31 23.25 -34.31
CA GLY A 410 43.99 23.97 -35.36
C GLY A 410 43.21 24.05 -36.66
N LEU A 411 43.91 24.39 -37.75
CA LEU A 411 43.35 24.52 -39.10
C LEU A 411 42.70 23.21 -39.59
N PRO A 412 41.56 23.30 -40.33
CA PRO A 412 40.86 22.08 -40.75
C PRO A 412 41.61 21.22 -41.78
N THR A 413 41.86 19.97 -41.36
CA THR A 413 42.40 18.90 -42.18
C THR A 413 41.16 18.12 -42.66
N LYS A 414 41.29 17.20 -43.59
CA LYS A 414 40.10 16.50 -44.07
C LYS A 414 39.70 15.42 -43.04
N GLN A 415 39.11 15.86 -41.91
CA GLN A 415 38.64 15.01 -40.81
C GLN A 415 37.15 14.70 -40.99
N PRO A 416 36.70 13.44 -40.76
CA PRO A 416 35.25 13.16 -40.91
C PRO A 416 34.43 13.87 -39.83
N ILE A 417 33.15 14.11 -40.11
CA ILE A 417 32.21 14.79 -39.22
C ILE A 417 32.04 13.95 -37.94
N PRO A 418 32.00 14.59 -36.74
CA PRO A 418 31.85 13.81 -35.50
C PRO A 418 30.65 12.90 -35.55
N ASP A 419 30.81 11.68 -35.01
CA ASP A 419 29.77 10.66 -34.99
C ASP A 419 29.62 10.14 -33.54
N CYS A 420 28.97 10.94 -32.67
CA CYS A 420 28.79 10.61 -31.25
C CYS A 420 27.30 10.53 -30.91
N GLU A 421 26.93 9.52 -30.13
CA GLU A 421 25.57 9.32 -29.67
C GLU A 421 25.57 8.50 -28.40
N ILE A 422 24.62 8.78 -27.48
CA ILE A 422 24.48 7.94 -26.27
C ILE A 422 23.80 6.67 -26.73
N LYS A 423 24.52 5.53 -26.66
CA LYS A 423 24.04 4.22 -27.10
C LYS A 423 22.78 3.84 -26.35
N ASN A 424 22.91 3.65 -25.03
CA ASN A 424 21.84 3.22 -24.15
C ASN A 424 21.60 4.26 -23.12
N ARG A 425 20.35 4.70 -23.00
CA ARG A 425 20.01 5.74 -22.05
C ARG A 425 18.74 5.36 -21.29
N PRO A 426 18.47 5.99 -20.10
CA PRO A 426 17.25 5.65 -19.34
C PRO A 426 15.95 5.66 -20.15
N SER A 427 15.00 4.85 -19.69
CA SER A 427 13.68 4.72 -20.28
C SER A 427 12.71 5.67 -19.54
N LEU A 428 12.18 6.65 -20.30
CA LEU A 428 11.22 7.64 -19.87
C LEU A 428 9.89 6.95 -19.53
N LEU A 429 9.55 5.87 -20.28
CA LEU A 429 8.34 5.07 -20.09
C LEU A 429 8.37 4.38 -18.71
N VAL A 430 9.52 3.79 -18.32
CA VAL A 430 9.72 3.13 -17.02
C VAL A 430 9.57 4.19 -15.91
N GLU A 431 10.09 5.42 -16.14
CA GLU A 431 9.93 6.51 -15.17
C GLU A 431 8.46 6.93 -15.06
N LYS A 432 7.71 6.89 -16.18
CA LYS A 432 6.29 7.24 -16.22
C LYS A 432 5.47 6.14 -15.58
N ILE A 433 5.90 4.86 -15.65
CA ILE A 433 5.20 3.76 -14.99
C ILE A 433 5.41 3.90 -13.46
N ASN A 434 6.67 4.14 -13.03
CA ASN A 434 7.06 4.34 -11.62
C ASN A 434 6.28 5.47 -10.97
N LEU A 435 6.26 6.67 -11.62
CA LEU A 435 5.56 7.85 -11.12
C LEU A 435 4.05 7.65 -11.10
N PHE A 436 3.52 6.86 -12.07
CA PHE A 436 2.11 6.51 -12.14
C PHE A 436 1.71 5.68 -10.92
N ALA A 437 2.52 4.65 -10.57
CA ALA A 437 2.24 3.77 -9.44
C ALA A 437 2.53 4.46 -8.11
N MET A 438 3.49 5.40 -8.11
CA MET A 438 3.90 6.18 -6.93
C MET A 438 2.78 7.17 -6.58
N PHE A 439 2.40 8.05 -7.54
CA PHE A 439 1.31 9.01 -7.36
C PHE A 439 -0.06 8.31 -7.36
N GLY A 440 -0.14 7.17 -8.05
CA GLY A 440 -1.33 6.34 -8.14
C GLY A 440 -1.71 5.73 -6.82
N THR A 441 -0.71 5.45 -5.92
CA THR A 441 -0.98 4.90 -4.59
C THR A 441 -1.78 5.92 -3.81
N GLY A 442 -1.30 7.17 -3.79
CA GLY A 442 -1.93 8.30 -3.12
C GLY A 442 -3.33 8.60 -3.60
N ILE A 443 -3.54 8.60 -4.93
CA ILE A 443 -4.85 8.84 -5.58
C ILE A 443 -5.80 7.67 -5.23
N ALA A 444 -5.31 6.42 -5.34
CA ALA A 444 -6.07 5.21 -5.01
C ALA A 444 -6.44 5.17 -3.51
N MET A 445 -5.49 5.47 -2.60
CA MET A 445 -5.74 5.45 -1.15
C MET A 445 -6.71 6.56 -0.74
N SER A 446 -6.73 7.69 -1.49
CA SER A 446 -7.61 8.84 -1.24
C SER A 446 -9.09 8.47 -1.49
N THR A 447 -9.35 7.43 -2.30
CA THR A 447 -10.70 6.99 -2.61
C THR A 447 -11.29 6.16 -1.43
N TRP A 448 -10.59 6.13 -0.26
CA TRP A 448 -11.07 5.48 0.97
C TRP A 448 -12.37 6.14 1.44
N VAL A 449 -12.45 7.46 1.27
CA VAL A 449 -13.58 8.28 1.71
C VAL A 449 -14.57 8.52 0.53
N TRP A 450 -14.45 7.75 -0.58
CA TRP A 450 -15.38 7.94 -1.70
C TRP A 450 -16.65 7.06 -1.48
N THR A 451 -17.32 7.31 -0.32
CA THR A 451 -18.53 6.64 0.15
C THR A 451 -19.65 7.67 0.35
N LYS A 452 -20.93 7.22 0.24
CA LYS A 452 -22.15 8.01 0.43
C LYS A 452 -22.16 8.75 1.79
N ALA A 453 -21.53 8.14 2.81
CA ALA A 453 -21.43 8.66 4.17
C ALA A 453 -20.66 9.99 4.24
N THR A 454 -19.62 10.18 3.39
CA THR A 454 -18.82 11.41 3.39
C THR A 454 -19.60 12.55 2.70
N LEU A 455 -20.49 12.23 1.74
CA LEU A 455 -21.34 13.23 1.08
C LEU A 455 -22.21 13.92 2.13
N LEU A 456 -22.63 13.15 3.16
CA LEU A 456 -23.42 13.58 4.30
C LEU A 456 -22.59 14.42 5.27
N ILE A 457 -21.30 14.08 5.48
CA ILE A 457 -20.37 14.78 6.37
C ILE A 457 -20.19 16.23 5.85
N TRP A 458 -19.98 16.37 4.54
CA TRP A 458 -19.78 17.67 3.91
C TRP A 458 -21.10 18.44 3.81
N ARG A 459 -22.24 17.74 3.65
CA ARG A 459 -23.55 18.38 3.63
C ARG A 459 -23.79 19.04 4.98
N ARG A 460 -23.56 18.27 6.06
CA ARG A 460 -23.68 18.64 7.48
C ARG A 460 -22.73 19.82 7.80
N THR A 461 -21.48 19.80 7.28
CA THR A 461 -20.48 20.86 7.51
C THR A 461 -20.94 22.19 6.88
N TRP A 462 -21.28 22.22 5.57
CA TRP A 462 -21.75 23.42 4.85
C TRP A 462 -22.95 24.07 5.55
N CYS A 463 -23.90 23.23 6.02
CA CYS A 463 -25.12 23.65 6.72
C CYS A 463 -24.76 24.39 8.02
N ARG A 464 -23.72 23.91 8.73
CA ARG A 464 -23.22 24.51 9.98
C ARG A 464 -22.43 25.82 9.68
N LEU A 465 -21.69 25.86 8.56
CA LEU A 465 -20.89 27.02 8.16
C LEU A 465 -21.80 28.17 7.64
N THR A 466 -22.80 27.83 6.81
CA THR A 466 -23.75 28.78 6.23
C THR A 466 -25.13 28.59 6.86
C12 A8T B . 24.67 12.26 -16.38
C11 A8T B . 24.72 11.51 -15.09
C13 A8T B . 25.28 12.39 -13.97
O1 A8T B . 25.56 10.44 -15.30
C2 A8T B . 23.35 10.99 -14.68
C3 A8T B . 22.15 11.59 -15.13
N1 A8T B . 20.88 11.17 -14.85
C1 A8T B . 23.16 9.89 -13.80
C5 A8T B . 21.85 9.46 -13.47
C4 A8T B . 20.71 10.12 -14.02
N2 A8T B . 19.33 9.72 -13.63
C9 A8T B . 18.36 10.80 -13.64
C8 A8T B . 17.14 10.44 -12.86
C6 A8T B . 18.85 8.38 -14.02
C7 A8T B . 17.59 8.03 -13.24
N3 A8T B . 16.60 9.11 -13.27
C10 A8T B . 15.29 8.79 -12.68
N5 A8T B . 15.24 7.87 -11.69
N4 A8T B . 14.12 7.56 -11.04
C14 A8T B . 14.04 9.47 -13.10
C17 A8T B . 13.99 10.45 -14.10
C18 A8T B . 12.76 11.07 -14.46
C19 A8T B . 11.57 10.75 -13.79
C20 A8T B . 11.62 9.80 -12.74
C15 A8T B . 12.83 9.13 -12.40
C16 A8T B . 12.92 8.11 -11.35
C21 A8T B . 11.68 7.58 -10.56
C22 A8T B . 11.58 8.14 -9.14
C23 A8T B . 12.26 9.29 -8.76
C24 A8T B . 12.12 9.80 -7.34
C25 A8T B . 11.28 9.14 -6.46
C26 A8T B . 10.53 7.91 -6.88
C27 A8T B . 10.65 7.43 -8.18
ZN ZN C . -24.79 -14.38 8.46
#